data_5FCX
#
_entry.id   5FCX
#
_cell.length_a   159.505
_cell.length_b   159.505
_cell.length_c   159.505
_cell.angle_alpha   90.00
_cell.angle_beta   90.00
_cell.angle_gamma   90.00
#
_symmetry.space_group_name_H-M   'P 41 3 2'
#
loop_
_entity.id
_entity.type
_entity.pdbx_description
1 polymer 'Red carotenoid protein (RCP)'
2 non-polymer "beta,beta-carotene-4,4'-dione"
#
_entity_poly.entity_id   1
_entity_poly.type   'polypeptide(L)'
_entity_poly.pdbx_seq_one_letter_code
;MGTFTQTNDPTIRKYVQSWQKLDVDEQLALFWFIYKEMGGAITPAAPGASTVSPAIAEGLFNQVKELNHEQQLQLQRDLI
RRVDNQLSREYGSLGDTTKLLFWYLLSQGMDNATIVPFPADYKLSSESQELLEGIKGLGFEQQITLFRDYVSPMGAEAKA
GAEIHHHHHH
;
_entity_poly.pdbx_strand_id   A,B
#
loop_
_chem_comp.id
_chem_comp.type
_chem_comp.name
_chem_comp.formula
45D non-polymer beta,beta-carotene-4,4'-dione 'C40 H52 O2'
#
# COMPACT_ATOMS: atom_id res chain seq x y z
N PRO A 10 -6.91 -17.77 11.58
CA PRO A 10 -6.83 -18.60 10.37
C PRO A 10 -5.46 -19.25 10.18
N THR A 11 -5.04 -19.40 8.92
CA THR A 11 -3.70 -19.89 8.60
C THR A 11 -2.66 -18.81 8.83
N ILE A 12 -3.05 -17.57 8.61
CA ILE A 12 -2.17 -16.41 8.76
C ILE A 12 -1.58 -16.32 10.16
N ARG A 13 -2.27 -16.93 11.13
CA ARG A 13 -1.77 -16.99 12.49
C ARG A 13 -0.50 -17.83 12.56
N LYS A 14 -0.53 -19.01 11.95
CA LYS A 14 0.64 -19.89 11.93
C LYS A 14 1.85 -19.19 11.28
N TYR A 15 1.57 -18.26 10.38
CA TYR A 15 2.62 -17.51 9.71
C TYR A 15 3.20 -16.42 10.62
N VAL A 16 2.34 -15.60 11.19
CA VAL A 16 2.77 -14.51 12.05
C VAL A 16 3.55 -15.02 13.26
N GLN A 17 3.08 -16.11 13.85
CA GLN A 17 3.77 -16.72 15.00
C GLN A 17 5.09 -17.34 14.57
N SER A 18 5.09 -18.01 13.42
CA SER A 18 6.31 -18.57 12.86
C SER A 18 7.33 -17.46 12.61
N TRP A 19 6.84 -16.35 12.06
CA TRP A 19 7.65 -15.17 11.76
C TRP A 19 8.22 -14.56 13.05
N GLN A 20 7.35 -14.43 14.05
CA GLN A 20 7.74 -13.88 15.34
C GLN A 20 8.77 -14.74 16.07
N LYS A 21 8.79 -16.03 15.76
CA LYS A 21 9.71 -16.96 16.42
C LYS A 21 11.11 -16.94 15.80
N LEU A 22 11.37 -15.93 14.97
CA LEU A 22 12.68 -15.75 14.35
C LEU A 22 13.49 -14.68 15.10
N ASP A 23 14.79 -14.65 14.85
CA ASP A 23 15.65 -13.60 15.40
C ASP A 23 15.19 -12.22 14.94
N VAL A 24 15.43 -11.21 15.77
CA VAL A 24 15.07 -9.84 15.45
C VAL A 24 15.76 -9.39 14.16
N ASP A 25 17.03 -9.75 14.00
CA ASP A 25 17.75 -9.43 12.78
C ASP A 25 17.28 -10.28 11.60
N GLU A 26 16.77 -11.48 11.89
CA GLU A 26 16.21 -12.32 10.84
C GLU A 26 14.85 -11.80 10.42
N GLN A 27 14.05 -11.37 11.39
CA GLN A 27 12.71 -10.84 11.09
C GLN A 27 12.80 -9.64 10.16
N LEU A 28 13.71 -8.72 10.45
CA LEU A 28 13.96 -7.58 9.58
C LEU A 28 14.39 -8.03 8.18
N ALA A 29 15.29 -8.99 8.12
CA ALA A 29 15.78 -9.52 6.85
C ALA A 29 14.64 -10.06 5.99
N LEU A 30 13.76 -10.84 6.61
CA LEU A 30 12.61 -11.42 5.91
C LEU A 30 11.66 -10.34 5.43
N PHE A 31 11.33 -9.40 6.30
CA PHE A 31 10.45 -8.29 5.97
C PHE A 31 11.02 -7.51 4.79
N TRP A 32 12.34 -7.33 4.81
CA TRP A 32 13.04 -6.61 3.74
C TRP A 32 12.86 -7.28 2.38
N PHE A 33 13.10 -8.58 2.33
CA PHE A 33 12.99 -9.33 1.07
C PHE A 33 11.55 -9.37 0.57
N ILE A 34 10.60 -9.37 1.50
CA ILE A 34 9.19 -9.30 1.14
C ILE A 34 8.90 -8.00 0.38
N TYR A 35 9.57 -6.93 0.79
CA TYR A 35 9.43 -5.64 0.14
C TYR A 35 10.04 -5.65 -1.26
N LYS A 36 11.17 -6.33 -1.41
CA LYS A 36 11.85 -6.39 -2.69
C LYS A 36 11.06 -7.23 -3.69
N GLU A 37 10.28 -8.19 -3.17
CA GLU A 37 9.46 -9.06 -4.01
C GLU A 37 8.14 -8.40 -4.41
N MET A 38 8.03 -7.10 -4.12
CA MET A 38 6.83 -6.34 -4.49
C MET A 38 7.11 -5.45 -5.69
N GLY A 39 8.39 -5.33 -6.05
CA GLY A 39 8.78 -4.48 -7.15
C GLY A 39 9.79 -5.13 -8.09
N GLY A 40 9.96 -6.44 -7.94
CA GLY A 40 10.90 -7.18 -8.77
C GLY A 40 11.77 -8.13 -7.98
N SER A 50 -8.44 1.67 12.35
CA SER A 50 -8.60 0.81 11.19
C SER A 50 -8.21 1.56 9.92
N THR A 51 -8.36 2.88 9.96
CA THR A 51 -8.04 3.75 8.82
C THR A 51 -6.53 4.03 8.75
N VAL A 52 -6.08 4.55 7.61
CA VAL A 52 -4.69 4.94 7.44
C VAL A 52 -4.57 6.45 7.24
N SER A 53 -3.66 7.07 7.99
CA SER A 53 -3.38 8.50 7.83
C SER A 53 -1.94 8.71 7.37
N PRO A 54 -1.75 8.82 6.04
CA PRO A 54 -0.44 8.85 5.39
C PRO A 54 0.46 9.97 5.89
N ALA A 55 -0.11 11.15 6.12
CA ALA A 55 0.68 12.31 6.52
C ALA A 55 1.38 12.06 7.85
N ILE A 56 0.67 11.41 8.78
CA ILE A 56 1.23 11.08 10.08
C ILE A 56 2.37 10.08 9.96
N ALA A 57 2.22 9.14 9.03
CA ALA A 57 3.22 8.09 8.81
C ALA A 57 4.54 8.67 8.30
N GLU A 58 4.46 9.57 7.33
CA GLU A 58 5.65 10.21 6.80
C GLU A 58 6.28 11.11 7.87
N GLY A 59 5.45 11.61 8.78
CA GLY A 59 5.94 12.43 9.87
C GLY A 59 6.91 11.67 10.75
N LEU A 60 6.50 10.48 11.16
CA LEU A 60 7.34 9.61 11.99
C LEU A 60 8.61 9.25 11.25
N PHE A 61 8.46 8.90 9.98
CA PHE A 61 9.58 8.60 9.10
C PHE A 61 10.59 9.75 9.07
N ASN A 62 10.08 10.96 8.89
CA ASN A 62 10.92 12.15 8.87
C ASN A 62 11.79 12.25 10.11
N GLN A 63 11.20 11.92 11.26
CA GLN A 63 11.92 11.93 12.52
C GLN A 63 13.05 10.91 12.48
N VAL A 64 12.71 9.68 12.10
CA VAL A 64 13.68 8.61 12.00
C VAL A 64 14.82 8.97 11.05
N LYS A 65 14.49 9.71 10.00
CA LYS A 65 15.47 10.15 9.00
C LYS A 65 16.57 11.00 9.62
N GLU A 66 16.24 11.65 10.73
CA GLU A 66 17.17 12.53 11.43
C GLU A 66 18.18 11.72 12.24
N LEU A 67 17.75 10.55 12.70
CA LEU A 67 18.64 9.65 13.44
C LEU A 67 19.79 9.19 12.54
N ASN A 68 20.93 8.85 13.16
CA ASN A 68 22.03 8.27 12.42
C ASN A 68 21.70 6.80 12.11
N HIS A 69 22.56 6.14 11.33
CA HIS A 69 22.26 4.79 10.87
C HIS A 69 22.10 3.79 12.00
N GLU A 70 22.99 3.84 12.99
CA GLU A 70 22.87 2.96 14.15
C GLU A 70 21.52 3.17 14.83
N GLN A 71 21.23 4.42 15.16
CA GLN A 71 19.97 4.80 15.78
C GLN A 71 18.77 4.30 14.98
N GLN A 72 18.91 4.29 13.66
CA GLN A 72 17.82 3.88 12.78
C GLN A 72 17.62 2.37 12.80
N LEU A 73 18.71 1.63 12.97
CA LEU A 73 18.61 0.17 13.06
C LEU A 73 18.04 -0.24 14.40
N GLN A 74 18.55 0.36 15.47
CA GLN A 74 18.10 0.04 16.82
C GLN A 74 16.62 0.39 16.97
N LEU A 75 16.22 1.51 16.38
CA LEU A 75 14.84 1.96 16.43
C LEU A 75 13.89 0.90 15.86
N GLN A 76 14.37 0.18 14.85
CA GLN A 76 13.59 -0.89 14.25
C GLN A 76 13.66 -2.15 15.11
N ARG A 77 14.83 -2.43 15.66
CA ARG A 77 14.99 -3.53 16.62
C ARG A 77 14.13 -3.24 17.85
N ASP A 78 14.04 -1.97 18.21
CA ASP A 78 13.27 -1.55 19.36
C ASP A 78 11.77 -1.72 19.14
N LEU A 79 11.31 -1.39 17.93
CA LEU A 79 9.89 -1.51 17.60
C LEU A 79 9.41 -2.95 17.71
N ILE A 80 10.25 -3.88 17.27
CA ILE A 80 9.94 -5.29 17.40
C ILE A 80 9.97 -5.73 18.86
N ARG A 81 11.08 -5.45 19.53
CA ARG A 81 11.28 -5.90 20.90
C ARG A 81 10.40 -5.15 21.89
N ARG A 82 9.58 -4.24 21.39
CA ARG A 82 8.64 -3.50 22.22
C ARG A 82 9.37 -2.67 23.27
N VAL A 83 10.52 -2.12 22.90
CA VAL A 83 11.27 -1.25 23.78
C VAL A 83 10.48 0.01 24.06
N ASP A 84 10.75 0.65 25.20
CA ASP A 84 10.01 1.85 25.59
C ASP A 84 10.77 3.13 25.23
N ASN A 85 10.65 3.55 23.97
CA ASN A 85 11.26 4.79 23.49
C ASN A 85 10.27 5.94 23.45
N GLN A 86 10.74 7.13 23.11
CA GLN A 86 9.85 8.23 22.80
C GLN A 86 9.25 8.00 21.41
N LEU A 87 9.99 7.29 20.57
CA LEU A 87 9.53 6.99 19.22
C LEU A 87 8.68 5.72 19.20
N SER A 88 8.99 4.78 20.08
CA SER A 88 8.21 3.56 20.18
C SER A 88 6.80 3.88 20.64
N ARG A 89 6.67 4.93 21.44
CA ARG A 89 5.36 5.35 21.93
C ARG A 89 4.55 5.99 20.81
N GLU A 90 5.21 6.81 19.99
CA GLU A 90 4.54 7.43 18.85
C GLU A 90 3.98 6.38 17.91
N TYR A 91 4.80 5.37 17.61
CA TYR A 91 4.42 4.29 16.70
C TYR A 91 3.28 3.44 17.27
N GLY A 92 3.31 3.22 18.58
CA GLY A 92 2.31 2.42 19.24
C GLY A 92 0.94 3.06 19.17
N SER A 93 0.93 4.39 19.08
CA SER A 93 -0.32 5.14 19.05
C SER A 93 -0.84 5.34 17.63
N LEU A 94 -0.42 4.48 16.71
CA LEU A 94 -0.87 4.56 15.33
C LEU A 94 -1.83 3.45 14.99
N GLY A 95 -2.66 3.67 13.98
CA GLY A 95 -3.56 2.65 13.49
C GLY A 95 -2.75 1.54 12.86
N ASP A 96 -3.32 0.33 12.86
CA ASP A 96 -2.63 -0.84 12.31
C ASP A 96 -2.26 -0.64 10.84
N THR A 97 -3.11 0.08 10.11
CA THR A 97 -2.90 0.25 8.68
C THR A 97 -1.81 1.28 8.39
N THR A 98 -1.67 2.26 9.27
CA THR A 98 -0.67 3.30 9.09
C THR A 98 0.71 2.80 9.57
N LYS A 99 0.72 1.89 10.53
CA LYS A 99 1.96 1.28 11.00
C LYS A 99 2.67 0.54 9.87
N LEU A 100 1.89 -0.16 9.05
CA LEU A 100 2.44 -0.89 7.93
C LEU A 100 2.98 0.06 6.87
N LEU A 101 2.23 1.14 6.63
CA LEU A 101 2.65 2.15 5.66
C LEU A 101 3.99 2.73 6.08
N PHE A 102 4.18 2.90 7.39
CA PHE A 102 5.42 3.45 7.93
C PHE A 102 6.61 2.54 7.67
N TRP A 103 6.39 1.23 7.77
CA TRP A 103 7.44 0.26 7.49
C TRP A 103 7.80 0.28 6.01
N TYR A 104 6.82 0.55 5.16
CA TYR A 104 7.10 0.69 3.73
C TYR A 104 7.97 1.93 3.49
N LEU A 105 7.73 2.99 4.26
CA LEU A 105 8.50 4.21 4.14
C LEU A 105 9.95 3.99 4.55
N LEU A 106 10.17 3.15 5.56
CA LEU A 106 11.52 2.84 6.00
C LEU A 106 12.27 2.06 4.93
N SER A 107 11.64 1.03 4.40
CA SER A 107 12.23 0.20 3.36
C SER A 107 12.50 1.01 2.09
N GLN A 108 11.51 1.80 1.69
CA GLN A 108 11.67 2.74 0.59
C GLN A 108 12.83 3.69 0.88
N GLY A 109 12.95 4.09 2.15
CA GLY A 109 13.99 4.98 2.58
C GLY A 109 15.38 4.39 2.39
N MET A 110 15.52 3.12 2.75
CA MET A 110 16.78 2.41 2.59
C MET A 110 17.20 2.41 1.12
N ASP A 111 16.23 2.14 0.25
CA ASP A 111 16.43 2.16 -1.20
C ASP A 111 16.87 3.53 -1.72
N ASN A 112 16.30 4.59 -1.14
CA ASN A 112 16.62 5.94 -1.59
C ASN A 112 17.77 6.56 -0.82
N ALA A 113 18.55 5.71 -0.15
CA ALA A 113 19.78 6.13 0.51
C ALA A 113 19.55 7.01 1.72
N THR A 114 18.29 7.13 2.13
CA THR A 114 17.94 8.03 3.22
C THR A 114 17.83 7.29 4.57
N ILE A 115 18.03 5.98 4.53
CA ILE A 115 17.96 5.15 5.73
C ILE A 115 18.91 3.94 5.62
N VAL A 116 19.40 3.48 6.78
CA VAL A 116 20.36 2.37 6.88
C VAL A 116 20.20 1.28 5.82
N PRO A 117 21.15 1.20 4.88
CA PRO A 117 21.08 0.21 3.79
C PRO A 117 21.22 -1.22 4.30
N PHE A 118 20.64 -2.16 3.56
CA PHE A 118 20.67 -3.57 3.91
C PHE A 118 22.03 -4.18 3.58
N PRO A 119 22.55 -5.04 4.48
CA PRO A 119 23.83 -5.71 4.28
C PRO A 119 23.87 -6.50 2.97
N ALA A 120 24.79 -6.14 2.08
CA ALA A 120 24.91 -6.82 0.80
C ALA A 120 25.32 -8.27 1.00
N ASP A 121 26.06 -8.50 2.08
CA ASP A 121 26.61 -9.81 2.38
C ASP A 121 25.65 -10.69 3.17
N TYR A 122 24.48 -10.15 3.49
CA TYR A 122 23.52 -10.90 4.31
C TYR A 122 22.79 -11.95 3.49
N LYS A 123 23.12 -13.21 3.74
CA LYS A 123 22.39 -14.32 3.15
C LYS A 123 21.25 -14.73 4.07
N LEU A 124 20.05 -14.79 3.49
CA LEU A 124 18.85 -15.13 4.25
C LEU A 124 18.85 -16.61 4.62
N SER A 125 18.41 -16.92 5.84
CA SER A 125 18.34 -18.30 6.31
C SER A 125 17.28 -19.07 5.52
N SER A 126 17.41 -20.39 5.47
CA SER A 126 16.49 -21.23 4.71
C SER A 126 15.13 -21.35 5.40
N GLU A 127 15.10 -21.11 6.70
CA GLU A 127 13.83 -21.18 7.44
C GLU A 127 12.93 -20.01 7.08
N SER A 128 13.54 -18.88 6.69
CA SER A 128 12.77 -17.72 6.27
C SER A 128 12.56 -17.73 4.77
N GLN A 129 13.44 -18.44 4.04
CA GLN A 129 13.24 -18.66 2.62
C GLN A 129 11.99 -19.48 2.37
N GLU A 130 11.65 -20.35 3.32
CA GLU A 130 10.41 -21.10 3.25
C GLU A 130 9.23 -20.18 3.48
N LEU A 131 9.28 -19.42 4.58
CA LEU A 131 8.22 -18.48 4.90
C LEU A 131 7.94 -17.51 3.75
N LEU A 132 9.01 -17.06 3.10
CA LEU A 132 8.89 -16.19 1.93
C LEU A 132 8.08 -16.87 0.83
N GLU A 133 8.39 -18.14 0.56
CA GLU A 133 7.72 -18.91 -0.48
C GLU A 133 6.26 -19.18 -0.15
N GLY A 134 6.00 -19.61 1.08
CA GLY A 134 4.65 -19.88 1.53
C GLY A 134 3.78 -18.65 1.45
N ILE A 135 4.35 -17.50 1.78
CA ILE A 135 3.61 -16.26 1.77
C ILE A 135 3.29 -15.80 0.35
N LYS A 136 4.25 -15.94 -0.56
CA LYS A 136 4.04 -15.56 -1.97
C LYS A 136 2.83 -16.28 -2.55
N GLY A 137 2.54 -17.47 -2.03
CA GLY A 137 1.43 -18.26 -2.53
C GLY A 137 0.12 -17.90 -1.85
N LEU A 138 0.17 -16.97 -0.90
CA LEU A 138 -1.03 -16.55 -0.18
C LEU A 138 -1.92 -15.62 -0.99
N GLY A 139 -3.17 -15.47 -0.55
CA GLY A 139 -4.10 -14.57 -1.20
C GLY A 139 -3.69 -13.13 -0.97
N PHE A 140 -4.00 -12.26 -1.94
CA PHE A 140 -3.63 -10.86 -1.84
C PHE A 140 -4.21 -10.23 -0.58
N GLU A 141 -5.47 -10.52 -0.30
CA GLU A 141 -6.11 -10.00 0.90
C GLU A 141 -5.42 -10.53 2.15
N GLN A 142 -5.16 -11.82 2.16
CA GLN A 142 -4.50 -12.47 3.29
C GLN A 142 -3.08 -11.97 3.47
N GLN A 143 -2.35 -11.92 2.37
CA GLN A 143 -0.96 -11.47 2.34
C GLN A 143 -0.86 -10.07 2.98
N ILE A 144 -1.90 -9.26 2.77
CA ILE A 144 -1.98 -7.93 3.36
C ILE A 144 -2.29 -8.00 4.85
N THR A 145 -3.22 -8.88 5.21
CA THR A 145 -3.58 -9.07 6.61
C THR A 145 -2.39 -9.64 7.38
N LEU A 146 -1.60 -10.47 6.72
CA LEU A 146 -0.43 -11.07 7.35
C LEU A 146 0.56 -10.01 7.79
N PHE A 147 0.89 -9.11 6.87
CA PHE A 147 1.81 -8.01 7.14
C PHE A 147 1.24 -7.07 8.19
N ARG A 148 -0.05 -6.78 8.08
CA ARG A 148 -0.74 -5.86 8.99
C ARG A 148 -0.81 -6.45 10.40
N ASP A 149 -0.97 -7.77 10.49
CA ASP A 149 -1.00 -8.46 11.77
C ASP A 149 0.39 -8.57 12.37
N TYR A 150 1.41 -8.46 11.53
CA TYR A 150 2.79 -8.59 11.98
C TYR A 150 3.30 -7.30 12.64
N VAL A 151 2.83 -6.16 12.16
CA VAL A 151 3.37 -4.87 12.58
C VAL A 151 2.62 -4.24 13.75
N SER A 152 1.34 -4.61 13.92
CA SER A 152 0.50 -4.02 14.97
C SER A 152 0.96 -4.35 16.40
N PRO A 153 1.41 -5.60 16.63
CA PRO A 153 1.93 -5.94 17.97
C PRO A 153 3.35 -5.44 18.20
N MET A 154 3.62 -4.20 17.82
CA MET A 154 4.94 -3.62 18.02
C MET A 154 4.84 -2.30 18.77
N GLY A 155 5.96 -1.59 18.90
CA GLY A 155 5.99 -0.32 19.60
C GLY A 155 5.75 -0.46 21.09
N ALA A 156 5.55 0.68 21.76
CA ALA A 156 5.39 0.69 23.21
C ALA A 156 3.94 0.82 23.63
N GLU A 157 3.70 0.71 24.93
CA GLU A 157 2.37 0.80 25.54
C GLU A 157 1.51 -0.41 25.18
N PRO B 10 5.18 -7.54 -20.20
CA PRO B 10 4.88 -8.93 -19.81
C PRO B 10 3.44 -9.33 -20.11
N THR B 11 2.90 -10.23 -19.29
CA THR B 11 1.50 -10.62 -19.41
C THR B 11 0.64 -9.63 -18.63
N ILE B 12 1.28 -8.89 -17.72
CA ILE B 12 0.61 -7.85 -16.97
C ILE B 12 0.08 -6.76 -17.90
N ARG B 13 0.82 -6.54 -18.98
CA ARG B 13 0.45 -5.54 -19.97
C ARG B 13 -0.92 -5.84 -20.56
N LYS B 14 -1.22 -7.13 -20.75
CA LYS B 14 -2.51 -7.57 -21.27
C LYS B 14 -3.66 -7.24 -20.31
N TYR B 15 -3.40 -7.33 -19.01
CA TYR B 15 -4.44 -7.09 -18.01
C TYR B 15 -4.83 -5.62 -17.95
N VAL B 16 -3.84 -4.74 -18.05
CA VAL B 16 -4.08 -3.31 -18.06
C VAL B 16 -4.94 -2.92 -19.26
N GLN B 17 -4.64 -3.51 -20.41
CA GLN B 17 -5.40 -3.25 -21.64
C GLN B 17 -6.84 -3.72 -21.50
N SER B 18 -7.04 -4.88 -20.89
CA SER B 18 -8.38 -5.42 -20.67
C SER B 18 -9.16 -4.54 -19.71
N TRP B 19 -8.43 -3.93 -18.77
CA TRP B 19 -9.02 -3.01 -17.82
C TRP B 19 -9.38 -1.71 -18.54
N GLN B 20 -8.45 -1.23 -19.37
CA GLN B 20 -8.64 0.01 -20.11
C GLN B 20 -9.68 -0.14 -21.22
N LYS B 21 -10.14 -1.36 -21.44
CA LYS B 21 -11.15 -1.63 -22.46
C LYS B 21 -12.54 -1.31 -21.93
N LEU B 22 -12.73 -1.43 -20.62
CA LEU B 22 -14.01 -1.11 -19.98
C LEU B 22 -14.33 0.38 -20.09
N ASP B 23 -15.61 0.72 -19.99
CA ASP B 23 -16.02 2.12 -20.00
C ASP B 23 -15.67 2.78 -18.67
N VAL B 24 -15.76 4.11 -18.61
CA VAL B 24 -15.32 4.86 -17.43
C VAL B 24 -15.98 4.35 -16.14
N ASP B 25 -17.30 4.32 -16.13
CA ASP B 25 -18.04 3.91 -14.94
C ASP B 25 -17.75 2.45 -14.56
N GLU B 26 -17.62 1.58 -15.55
CA GLU B 26 -17.29 0.18 -15.30
C GLU B 26 -15.90 0.05 -14.69
N GLN B 27 -14.96 0.83 -15.20
CA GLN B 27 -13.59 0.84 -14.68
C GLN B 27 -13.59 1.18 -13.19
N LEU B 28 -14.29 2.26 -12.84
CA LEU B 28 -14.42 2.67 -11.45
C LEU B 28 -15.03 1.55 -10.61
N ALA B 29 -16.08 0.94 -11.15
CA ALA B 29 -16.78 -0.14 -10.46
C ALA B 29 -15.84 -1.31 -10.17
N LEU B 30 -15.09 -1.73 -11.18
CA LEU B 30 -14.12 -2.80 -11.02
C LEU B 30 -13.10 -2.46 -9.94
N PHE B 31 -12.62 -1.21 -9.97
CA PHE B 31 -11.62 -0.76 -9.01
C PHE B 31 -12.15 -0.85 -7.58
N TRP B 32 -13.37 -0.36 -7.40
CA TRP B 32 -14.02 -0.40 -6.09
C TRP B 32 -14.11 -1.82 -5.56
N PHE B 33 -14.43 -2.75 -6.45
CA PHE B 33 -14.57 -4.15 -6.04
C PHE B 33 -13.22 -4.78 -5.73
N ILE B 34 -12.20 -4.41 -6.51
CA ILE B 34 -10.84 -4.88 -6.23
C ILE B 34 -10.41 -4.38 -4.86
N TYR B 35 -10.91 -3.20 -4.49
CA TYR B 35 -10.65 -2.64 -3.16
C TYR B 35 -11.35 -3.44 -2.08
N LYS B 36 -12.62 -3.77 -2.30
CA LYS B 36 -13.41 -4.50 -1.32
C LYS B 36 -12.87 -5.91 -1.11
N GLU B 37 -12.38 -6.52 -2.18
CA GLU B 37 -11.78 -7.86 -2.11
C GLU B 37 -10.53 -7.86 -1.26
N MET B 38 -9.85 -6.72 -1.22
CA MET B 38 -8.63 -6.56 -0.43
C MET B 38 -8.92 -6.59 1.07
N GLY B 39 -10.17 -6.38 1.45
CA GLY B 39 -10.57 -6.37 2.85
C GLY B 39 -11.41 -7.56 3.28
N GLY B 40 -12.25 -8.06 2.38
CA GLY B 40 -13.10 -9.19 2.66
C GLY B 40 -14.30 -9.28 1.72
N SER B 50 8.80 7.45 -9.31
CA SER B 50 7.86 6.48 -8.76
C SER B 50 8.18 6.13 -7.31
N THR B 51 8.55 7.16 -6.54
CA THR B 51 8.63 7.05 -5.08
C THR B 51 7.35 7.62 -4.47
N VAL B 52 6.84 6.98 -3.43
CA VAL B 52 5.57 7.40 -2.86
C VAL B 52 5.73 8.50 -1.81
N SER B 53 4.91 9.53 -1.92
CA SER B 53 4.86 10.59 -0.91
C SER B 53 3.50 10.61 -0.25
N PRO B 54 3.39 9.96 0.90
CA PRO B 54 2.13 9.85 1.64
C PRO B 54 1.49 11.21 1.96
N ALA B 55 2.33 12.21 2.28
CA ALA B 55 1.83 13.54 2.63
C ALA B 55 1.15 14.21 1.45
N ILE B 56 1.77 14.14 0.28
CA ILE B 56 1.21 14.72 -0.92
C ILE B 56 -0.07 13.98 -1.33
N ALA B 57 -0.04 12.65 -1.23
CA ALA B 57 -1.19 11.83 -1.57
C ALA B 57 -2.43 12.27 -0.80
N GLU B 58 -2.29 12.40 0.52
CA GLU B 58 -3.41 12.85 1.34
C GLU B 58 -3.81 14.27 0.98
N GLY B 59 -2.82 15.12 0.70
CA GLY B 59 -3.07 16.49 0.32
C GLY B 59 -4.04 16.59 -0.84
N LEU B 60 -3.75 15.86 -1.91
CA LEU B 60 -4.64 15.77 -3.06
C LEU B 60 -6.01 15.25 -2.63
N PHE B 61 -6.02 14.23 -1.78
CA PHE B 61 -7.27 13.67 -1.28
C PHE B 61 -8.12 14.73 -0.60
N ASN B 62 -7.49 15.50 0.29
CA ASN B 62 -8.22 16.50 1.07
C ASN B 62 -8.79 17.61 0.20
N GLN B 63 -8.28 17.73 -1.02
CA GLN B 63 -8.88 18.64 -1.98
C GLN B 63 -10.16 18.02 -2.54
N VAL B 64 -10.12 16.72 -2.81
CA VAL B 64 -11.29 16.00 -3.31
C VAL B 64 -12.32 15.80 -2.21
N LYS B 65 -11.84 15.71 -0.97
CA LYS B 65 -12.70 15.52 0.18
C LYS B 65 -13.57 16.76 0.39
N GLU B 66 -13.06 17.91 -0.03
CA GLU B 66 -13.74 19.18 0.12
C GLU B 66 -14.88 19.37 -0.86
N LEU B 67 -14.87 18.57 -1.92
CA LEU B 67 -15.86 18.69 -2.99
C LEU B 67 -17.17 18.00 -2.61
N ASN B 68 -18.26 18.42 -3.26
CA ASN B 68 -19.53 17.72 -3.12
C ASN B 68 -19.49 16.41 -3.90
N HIS B 69 -20.45 15.53 -3.63
CA HIS B 69 -20.41 14.19 -4.20
C HIS B 69 -20.40 14.18 -5.73
N GLU B 70 -21.17 15.07 -6.35
CA GLU B 70 -21.23 15.08 -7.80
C GLU B 70 -19.87 15.45 -8.42
N GLN B 71 -19.20 16.44 -7.82
CA GLN B 71 -17.89 16.84 -8.32
C GLN B 71 -16.82 15.79 -8.03
N GLN B 72 -16.97 15.09 -6.91
CA GLN B 72 -16.05 14.01 -6.55
C GLN B 72 -16.07 12.92 -7.62
N LEU B 73 -17.27 12.48 -7.99
CA LEU B 73 -17.44 11.50 -9.06
C LEU B 73 -16.88 12.04 -10.37
N GLN B 74 -17.22 13.29 -10.67
CA GLN B 74 -16.77 13.95 -11.88
C GLN B 74 -15.25 13.94 -12.00
N LEU B 75 -14.58 14.23 -10.89
CA LEU B 75 -13.12 14.27 -10.86
C LEU B 75 -12.51 12.92 -11.23
N GLN B 76 -13.04 11.86 -10.64
CA GLN B 76 -12.55 10.52 -10.93
C GLN B 76 -12.80 10.15 -12.39
N ARG B 77 -13.96 10.53 -12.90
CA ARG B 77 -14.27 10.36 -14.31
C ARG B 77 -13.28 11.14 -15.16
N ASP B 78 -13.00 12.37 -14.75
CA ASP B 78 -12.07 13.22 -15.48
C ASP B 78 -10.66 12.65 -15.48
N LEU B 79 -10.28 12.02 -14.37
CA LEU B 79 -8.96 11.41 -14.29
C LEU B 79 -8.78 10.35 -15.37
N ILE B 80 -9.73 9.42 -15.43
CA ILE B 80 -9.66 8.34 -16.40
C ILE B 80 -9.73 8.86 -17.84
N ARG B 81 -10.40 9.99 -18.02
CA ARG B 81 -10.55 10.57 -19.36
C ARG B 81 -9.40 11.50 -19.74
N ARG B 82 -8.43 11.64 -18.83
CA ARG B 82 -7.28 12.50 -19.06
C ARG B 82 -7.71 13.94 -19.39
N VAL B 83 -8.79 14.37 -18.73
CA VAL B 83 -9.30 15.73 -18.87
C VAL B 83 -8.29 16.72 -18.28
N ASP B 84 -8.32 17.98 -18.73
CA ASP B 84 -7.34 18.96 -18.28
C ASP B 84 -7.84 19.90 -17.18
N ASN B 85 -7.94 19.37 -15.96
CA ASN B 85 -8.30 20.17 -14.78
C ASN B 85 -7.07 20.70 -14.06
N GLN B 86 -7.28 21.50 -13.02
CA GLN B 86 -6.18 21.86 -12.12
C GLN B 86 -5.86 20.63 -11.29
N LEU B 87 -6.91 20.01 -10.76
CA LEU B 87 -6.78 18.76 -10.01
C LEU B 87 -6.15 17.68 -10.88
N SER B 88 -6.60 17.60 -12.12
CA SER B 88 -6.09 16.61 -13.05
C SER B 88 -4.61 16.85 -13.37
N ARG B 89 -4.25 18.11 -13.61
CA ARG B 89 -2.86 18.47 -13.85
C ARG B 89 -2.01 18.08 -12.64
N GLU B 90 -2.57 18.30 -11.46
CA GLU B 90 -1.92 17.94 -10.21
C GLU B 90 -1.62 16.44 -10.12
N TYR B 91 -2.68 15.64 -10.27
CA TYR B 91 -2.59 14.19 -10.23
C TYR B 91 -1.47 13.65 -11.12
N GLY B 92 -1.43 14.14 -12.36
CA GLY B 92 -0.44 13.68 -13.33
C GLY B 92 0.98 13.97 -12.89
N SER B 93 1.12 14.99 -12.05
CA SER B 93 2.44 15.42 -11.58
C SER B 93 2.91 14.60 -10.37
N LEU B 94 2.31 13.44 -10.15
CA LEU B 94 2.66 12.60 -9.00
C LEU B 94 3.45 11.37 -9.40
N GLY B 95 4.12 10.76 -8.41
CA GLY B 95 4.78 9.50 -8.62
C GLY B 95 3.74 8.42 -8.90
N ASP B 96 4.13 7.38 -9.63
CA ASP B 96 3.20 6.33 -10.01
C ASP B 96 2.59 5.61 -8.80
N THR B 97 3.38 5.46 -7.75
CA THR B 97 2.89 4.82 -6.54
C THR B 97 2.10 5.80 -5.67
N THR B 98 2.43 7.09 -5.76
CA THR B 98 1.67 8.10 -5.03
C THR B 98 0.28 8.25 -5.66
N LYS B 99 0.21 8.06 -6.97
CA LYS B 99 -1.07 8.09 -7.66
C LYS B 99 -1.97 6.98 -7.15
N LEU B 100 -1.40 5.78 -6.98
CA LEU B 100 -2.16 4.64 -6.50
C LEU B 100 -2.61 4.85 -5.04
N LEU B 101 -1.71 5.35 -4.21
CA LEU B 101 -2.04 5.62 -2.81
C LEU B 101 -3.19 6.62 -2.71
N PHE B 102 -3.24 7.54 -3.67
CA PHE B 102 -4.32 8.52 -3.73
C PHE B 102 -5.67 7.83 -3.96
N TRP B 103 -5.71 6.92 -4.93
CA TRP B 103 -6.93 6.19 -5.24
C TRP B 103 -7.42 5.39 -4.03
N TYR B 104 -6.48 4.81 -3.28
CA TYR B 104 -6.85 4.05 -2.09
C TYR B 104 -7.50 4.99 -1.08
N LEU B 105 -6.93 6.19 -0.95
CA LEU B 105 -7.48 7.18 -0.03
C LEU B 105 -8.93 7.49 -0.37
N LEU B 106 -9.23 7.62 -1.66
CA LEU B 106 -10.58 7.91 -2.12
C LEU B 106 -11.56 6.82 -1.68
N SER B 107 -11.28 5.59 -2.09
CA SER B 107 -12.11 4.44 -1.75
C SER B 107 -12.29 4.29 -0.24
N GLN B 108 -11.22 4.52 0.50
CA GLN B 108 -11.29 4.53 1.95
C GLN B 108 -12.27 5.59 2.41
N GLY B 109 -12.14 6.77 1.82
CA GLY B 109 -13.02 7.89 2.11
C GLY B 109 -14.46 7.55 1.82
N MET B 110 -14.68 6.66 0.86
CA MET B 110 -16.02 6.22 0.52
C MET B 110 -16.62 5.40 1.65
N ASP B 111 -15.84 4.43 2.13
CA ASP B 111 -16.25 3.65 3.30
C ASP B 111 -16.42 4.56 4.51
N ASN B 112 -15.58 5.58 4.60
CA ASN B 112 -15.62 6.53 5.72
C ASN B 112 -16.59 7.68 5.51
N ALA B 113 -17.41 7.61 4.47
CA ALA B 113 -18.48 8.59 4.22
C ALA B 113 -17.98 10.01 3.98
N THR B 114 -16.69 10.15 3.65
CA THR B 114 -16.13 11.46 3.32
C THR B 114 -16.09 11.65 1.81
N ILE B 115 -16.53 10.62 1.10
CA ILE B 115 -16.47 10.61 -0.36
C ILE B 115 -17.66 9.84 -0.90
N VAL B 116 -18.05 10.16 -2.13
CA VAL B 116 -19.23 9.58 -2.79
C VAL B 116 -19.38 8.10 -2.57
N PRO B 117 -20.51 7.68 -1.99
CA PRO B 117 -20.78 6.27 -1.75
C PRO B 117 -21.07 5.53 -3.06
N PHE B 118 -20.48 4.35 -3.21
CA PHE B 118 -20.75 3.50 -4.38
C PHE B 118 -22.23 3.10 -4.40
N PRO B 119 -22.87 3.20 -5.58
CA PRO B 119 -24.29 2.86 -5.73
C PRO B 119 -24.59 1.46 -5.20
N ALA B 120 -25.61 1.35 -4.37
CA ALA B 120 -25.95 0.07 -3.77
C ALA B 120 -26.54 -0.87 -4.83
N ASP B 121 -27.24 -0.29 -5.79
CA ASP B 121 -27.95 -1.05 -6.82
C ASP B 121 -27.05 -1.55 -7.94
N TYR B 122 -25.81 -1.05 -7.97
CA TYR B 122 -24.89 -1.33 -9.07
C TYR B 122 -24.41 -2.79 -9.10
N LYS B 123 -24.60 -3.43 -10.25
CA LYS B 123 -24.09 -4.78 -10.46
C LYS B 123 -23.01 -4.75 -11.54
N LEU B 124 -21.98 -5.57 -11.32
CA LEU B 124 -20.81 -5.59 -12.21
C LEU B 124 -21.02 -6.46 -13.45
N SER B 125 -20.53 -6.01 -14.59
CA SER B 125 -20.66 -6.75 -15.85
C SER B 125 -19.92 -8.08 -15.78
N SER B 126 -20.24 -9.00 -16.68
CA SER B 126 -19.61 -10.31 -16.66
C SER B 126 -18.18 -10.24 -17.16
N GLU B 127 -17.91 -9.26 -18.02
CA GLU B 127 -16.56 -9.07 -18.53
C GLU B 127 -15.58 -8.69 -17.42
N SER B 128 -15.99 -7.75 -16.59
CA SER B 128 -15.17 -7.30 -15.46
C SER B 128 -15.21 -8.31 -14.30
N GLN B 129 -16.20 -9.21 -14.34
CA GLN B 129 -16.27 -10.31 -13.39
C GLN B 129 -15.09 -11.26 -13.59
N GLU B 130 -14.93 -11.69 -14.84
CA GLU B 130 -13.83 -12.58 -15.20
C GLU B 130 -12.51 -11.87 -14.98
N LEU B 131 -12.45 -10.60 -15.36
CA LEU B 131 -11.25 -9.80 -15.19
C LEU B 131 -10.84 -9.72 -13.71
N LEU B 132 -11.83 -9.62 -12.83
CA LEU B 132 -11.56 -9.58 -11.40
C LEU B 132 -11.06 -10.95 -10.94
N GLU B 133 -11.68 -12.00 -11.45
CA GLU B 133 -11.29 -13.36 -11.08
C GLU B 133 -9.88 -13.67 -11.57
N GLY B 134 -9.56 -13.21 -12.77
CA GLY B 134 -8.23 -13.43 -13.33
C GLY B 134 -7.15 -12.72 -12.53
N ILE B 135 -7.49 -11.54 -12.01
CA ILE B 135 -6.56 -10.74 -11.24
C ILE B 135 -6.27 -11.37 -9.88
N LYS B 136 -7.31 -11.92 -9.25
CA LYS B 136 -7.17 -12.58 -7.96
C LYS B 136 -6.06 -13.63 -8.01
N GLY B 137 -6.02 -14.36 -9.11
CA GLY B 137 -5.08 -15.45 -9.28
C GLY B 137 -3.68 -15.00 -9.67
N LEU B 138 -3.45 -13.70 -9.67
CA LEU B 138 -2.14 -13.15 -9.96
C LEU B 138 -1.29 -13.08 -8.69
N GLY B 139 0.02 -13.03 -8.86
CA GLY B 139 0.91 -12.91 -7.72
C GLY B 139 0.72 -11.59 -7.00
N PHE B 140 1.34 -11.44 -5.84
CA PHE B 140 1.23 -10.19 -5.10
C PHE B 140 1.88 -9.06 -5.89
N GLU B 141 3.14 -9.25 -6.29
CA GLU B 141 3.88 -8.24 -7.02
C GLU B 141 3.18 -7.88 -8.32
N GLN B 142 2.69 -8.89 -9.03
CA GLN B 142 2.00 -8.70 -10.30
C GLN B 142 0.78 -7.80 -10.13
N GLN B 143 -0.03 -8.09 -9.11
CA GLN B 143 -1.24 -7.32 -8.87
C GLN B 143 -0.91 -5.85 -8.61
N ILE B 144 0.11 -5.62 -7.79
CA ILE B 144 0.50 -4.26 -7.45
C ILE B 144 1.11 -3.53 -8.64
N THR B 145 1.79 -4.27 -9.49
CA THR B 145 2.33 -3.69 -10.71
C THR B 145 1.21 -3.38 -11.70
N LEU B 146 0.13 -4.16 -11.64
CA LEU B 146 -1.02 -3.93 -12.50
C LEU B 146 -1.72 -2.63 -12.10
N PHE B 147 -1.98 -2.49 -10.80
CA PHE B 147 -2.69 -1.33 -10.28
C PHE B 147 -1.93 -0.03 -10.56
N ARG B 148 -0.63 -0.04 -10.26
CA ARG B 148 0.23 1.12 -10.48
C ARG B 148 0.34 1.48 -11.95
N ASP B 149 0.39 0.46 -12.80
CA ASP B 149 0.50 0.67 -14.24
C ASP B 149 -0.83 1.15 -14.84
N TYR B 150 -1.93 0.88 -14.14
CA TYR B 150 -3.25 1.29 -14.60
C TYR B 150 -3.53 2.75 -14.27
N VAL B 151 -3.12 3.18 -13.08
CA VAL B 151 -3.48 4.50 -12.57
C VAL B 151 -2.55 5.63 -13.01
N SER B 152 -1.27 5.32 -13.25
CA SER B 152 -0.29 6.35 -13.57
C SER B 152 -0.51 7.06 -14.91
N PRO B 153 -1.09 6.37 -15.91
CA PRO B 153 -1.32 7.06 -17.19
C PRO B 153 -2.52 8.00 -17.17
N MET B 154 -3.13 8.18 -16.00
CA MET B 154 -4.33 9.00 -15.87
C MET B 154 -4.00 10.46 -15.64
N GLY B 155 -5.01 11.32 -15.72
CA GLY B 155 -4.84 12.74 -15.48
C GLY B 155 -4.28 13.49 -16.68
N ALA B 156 -3.75 14.68 -16.42
CA ALA B 156 -3.18 15.51 -17.47
C ALA B 156 -1.67 15.59 -17.35
N GLU B 157 -1.00 15.80 -18.48
CA GLU B 157 0.46 15.91 -18.56
C GLU B 157 1.17 14.80 -17.79
O01 45D C . 23.94 -4.28 10.28
O02 45D C . -1.75 2.45 3.58
C03 45D C . 20.53 -6.46 9.66
C04 45D C . -2.44 -1.01 1.53
C05 45D C . 21.94 -6.93 10.02
C06 45D C . -2.58 0.36 0.89
C07 45D C . 20.67 -5.02 9.17
C08 45D C . -1.31 -0.88 2.56
C09 45D C . 22.55 -6.01 11.07
C10 45D C . -3.01 1.45 1.87
C11 45D C . 19.55 -6.60 10.79
C12 45D C . 19.92 -7.36 8.62
C13 45D C . -3.73 -1.53 2.14
C14 45D C . -2.16 -2.07 0.48
C15 45D C . 21.85 -4.38 9.22
C16 45D C . -0.96 0.33 3.03
C17 45D C . 22.88 -4.84 10.20
C18 45D C . -1.90 1.47 2.87
C19 45D C . 19.40 -4.17 9.13
C20 45D C . -0.34 -2.06 2.70
C21 45D C . 22.13 -3.14 8.40
C22 45D C . 0.14 0.51 4.07
C23 45D C . 18.47 -4.37 8.14
C24 45D C . 0.91 -1.98 2.13
C25 45D C . 17.19 -3.53 8.07
C26 45D C . 1.92 -3.11 2.27
C27 45D C . 17.17 -2.10 8.63
C28 45D C . 1.59 -4.54 1.87
C29 45D C . 16.07 -4.09 7.48
C30 45D C . 3.15 -2.75 2.77
C31 45D C . 14.77 -3.32 7.34
C32 45D C . 4.30 -3.75 2.97
C33 45D C . 13.79 -3.85 6.50
C34 45D C . 5.50 -3.19 3.35
C35 45D C . 12.44 -3.17 6.27
C36 45D C . 6.79 -3.98 3.59
C37 45D C . 11.41 -3.92 5.71
C38 45D C . 7.77 -3.34 4.33
C39 45D C . 12.24 -1.71 6.61
C40 45D C . 6.98 -5.40 3.03
C41 45D C . 10.04 -3.30 5.42
C42 45D C . 9.13 -3.99 4.63
H052 45D C . 22.50 -6.91 9.22
H051 45D C . 21.90 -7.84 10.37
H062 45D C . -1.71 0.62 0.51
H061 45D C . -3.23 0.31 0.17
H092 45D C . 23.39 -6.41 11.38
H091 45D C . 22.08 -5.87 11.92
H102 45D C . -3.81 1.17 2.36
H101 45D C . -3.36 2.27 1.42
H113 45D C . 19.77 -5.96 11.50
H111 45D C . 18.64 -6.43 10.47
H112 45D C . 19.61 -7.50 11.16
H122 45D C . 19.81 -8.26 8.99
H123 45D C . 19.03 -7.02 8.35
H121 45D C . 20.51 -7.40 7.83
H131 45D C . -4.08 -0.88 2.78
H132 45D C . -3.55 -2.38 2.61
H133 45D C . -4.39 -1.70 1.44
H141 45D C . -1.22 -2.01 0.20
H143 45D C . -2.74 -1.93 -0.29
H142 45D C . -2.32 -2.96 0.86
H191 45D C . 19.26 -3.47 9.81
H201 45D C . -0.60 -2.85 3.22
H212 45D C . 21.28 -2.68 8.24
H213 45D C . 22.54 -3.40 7.56
H211 45D C . 22.74 -2.55 8.90
H223 45D C . 0.60 -0.34 4.20
H222 45D C . -0.26 0.80 4.90
H221 45D C . 0.77 1.19 3.75
H231 45D C . 18.63 -5.08 7.47
H241 45D C . 1.15 -1.17 1.63
H273 45D C . 18.08 -1.74 8.63
H272 45D C . 16.59 -1.54 8.06
H271 45D C . 16.82 -2.12 9.54
H281 45D C . 2.36 -4.94 1.40
H282 45D C . 1.40 -5.07 2.67
H283 45D C . 0.81 -4.55 1.28
H291 45D C . 16.13 -4.99 7.13
H301 45D C . 3.30 -1.82 3.00
H311 45D C . 14.61 -2.49 7.83
H321 45D C . 4.19 -4.71 2.82
H331 45D C . 13.99 -4.69 6.03
H341 45D C . 5.53 -2.22 3.48
H371 45D C . 11.56 -4.85 5.49
H381 45D C . 7.60 -2.44 4.66
H393 45D C . 11.77 -1.26 5.88
H392 45D C . 11.73 -1.64 7.43
H391 45D C . 13.12 -1.29 6.73
H401 45D C . 7.84 -5.46 2.57
H402 45D C . 6.96 -6.04 3.76
H403 45D C . 6.25 -5.59 2.40
H411 45D C . 9.82 -2.42 5.78
H421 45D C . 9.35 -4.87 4.27
O01 45D D . -23.73 7.42 -9.72
O02 45D D . 2.50 3.59 -1.20
C03 45D D . -20.72 4.85 -10.68
C04 45D D . 2.01 -0.25 -1.74
C05 45D D . -22.10 5.08 -11.32
C06 45D D . 2.97 0.48 -0.80
C07 45D D . -20.71 5.62 -9.35
C08 45D D . 0.96 0.73 -2.32
C09 45D D . -22.39 6.56 -11.47
C10 45D D . 2.33 1.57 0.04
C11 45D D . -19.57 5.22 -11.58
C12 45D D . -20.51 3.37 -10.52
C13 45D D . 2.80 -0.94 -2.83
C14 45D D . 1.36 -1.45 -1.06
C15 45D D . -21.75 6.41 -8.99
C16 45D D . 0.98 2.03 -2.04
C17 45D D . -22.71 6.86 -10.04
C18 45D D . 1.98 2.51 -1.07
C19 45D D . -19.36 5.93 -8.70
C20 45D D . -0.20 0.18 -3.16
C21 45D D . -21.91 6.97 -7.59
C22 45D D . -0.24 2.93 -2.21
C23 45D D . -18.54 4.93 -8.25
C24 45D D . -1.36 -0.20 -2.53
C25 45D D . -17.19 5.26 -7.58
C26 45D D . -2.56 -0.72 -3.32
C27 45D D . -16.98 6.62 -6.90
C28 45D D . -2.56 -2.09 -3.99
C29 45D D . -16.19 4.31 -7.58
C30 45D D . -3.65 0.13 -3.41
C31 45D D . -14.84 4.57 -6.92
C32 45D D . -4.94 -0.20 -4.16
C33 45D D . -13.87 3.58 -6.94
C34 45D D . -5.99 0.70 -4.03
C35 45D D . -12.49 3.74 -6.27
C36 45D D . -7.34 0.50 -4.72
C37 45D D . -11.68 2.61 -6.20
C38 45D D . -8.08 1.64 -4.99
C39 45D D . -12.03 5.05 -5.68
C40 45D D . -7.86 -0.89 -5.08
C41 45D D . -10.30 2.65 -5.55
C42 45D D . -9.45 1.56 -5.67
H052 45D D . -22.77 4.67 -10.76
H051 45D D . -22.11 4.66 -12.20
H062 45D D . 3.37 -0.17 -0.20
H061 45D D . 3.68 0.89 -1.34
H092 45D D . -23.20 6.67 -12.00
H091 45D D . -21.76 7.13 -11.95
H102 45D D . 2.98 2.03 0.61
H101 45D D . 1.68 1.25 0.71
H113 45D D . -19.55 6.19 -11.69
H111 45D D . -18.74 4.91 -11.17
H112 45D D . -19.69 4.78 -12.45
H122 45D D . -20.48 2.94 -11.40
H123 45D D . -19.66 3.20 -10.06
H121 45D D . -21.25 2.98 -10.00
H131 45D D . 3.38 -0.28 -3.28
H132 45D D . 2.18 -1.34 -3.48
H133 45D D . 3.35 -1.64 -2.44
H141 45D D . 0.66 -1.14 -0.45
H143 45D D . 2.03 -1.94 -0.55
H142 45D D . 0.96 -2.03 -1.74
H191 45D D . -19.08 6.87 -8.60
H201 45D D . -0.13 0.14 -4.13
H212 45D D . -21.03 7.05 -7.18
H213 45D D . -22.47 6.36 -7.06
H211 45D D . -22.34 7.85 -7.64
H223 45D D . -0.09 3.55 -2.94
H222 45D D . -0.40 3.42 -1.38
H221 45D D . -1.02 2.36 -2.41
H231 45D D . -18.82 4.00 -8.34
H241 45D D . -1.43 -0.13 -1.55
H273 45D D . -17.85 6.98 -6.63
H272 45D D . -16.41 6.49 -6.11
H271 45D D . -16.55 7.23 -7.53
H281 45D D . -3.43 -2.52 -3.85
H282 45D D . -2.39 -1.99 -4.95
H283 45D D . -1.86 -2.64 -3.59
H291 45D D . -16.35 3.45 -8.01
H301 45D D . -3.59 1.00 -2.96
H311 45D D . -14.68 5.42 -6.45
H321 45D D . -5.02 -1.01 -4.71
H331 45D D . -14.07 2.73 -7.40
H341 45D D . -5.86 1.48 -3.47
H371 45D D . -12.00 1.77 -6.58
H381 45D D . -7.72 2.51 -4.74
H393 45D D . -11.63 4.89 -4.80
H392 45D D . -11.37 5.47 -6.28
H391 45D D . -12.79 5.66 -5.58
H401 45D D . -8.78 -1.00 -4.75
H402 45D D . -7.83 -1.01 -6.05
H403 45D D . -7.29 -1.57 -4.65
H411 45D D . -10.02 3.43 -5.04
H421 45D D . -9.72 0.77 -6.17
#